data_6FFI
#
_entry.id   6FFI
#
_cell.length_a   142.822
_cell.length_b   43.424
_cell.length_c   81.976
_cell.angle_alpha   90.000
_cell.angle_beta   98.930
_cell.angle_gamma   90.000
#
_symmetry.space_group_name_H-M   'C 1 2 1'
#
loop_
_entity.id
_entity.type
_entity.pdbx_description
1 polymer 'Metabotropic glutamate receptor 5,Endolysin,Metabotropic glutamate receptor 5'
2 non-polymer 'OLEIC ACID'
3 non-polymer '2-(N-MORPHOLINO)-ETHANESULFONIC ACID'
4 non-polymer 2-[2-(3-methoxyphenyl)ethynyl]-6-methyl-pyridine
5 water water
#
_entity_poly.entity_id   1
_entity_poly.type   'polypeptide(L)'
_entity_poly.pdbx_seq_one_letter_code
;AASPVQYLRWGDPAPIAAVVFACLGLLATLFVTVVFIIYRDTPVVKSSSRELCYIILAGICLGYLCTF(YCM)LIAKPKQ
IYCYLQRIGIGLSPAMSYSALVTKTYRAARILAMSKKNIFEMLRIDEGLRLKIYKDTEGYYTIGIGHLLTKSPSLNAAKS
ELDKAIGRNTNGVITKDEAEKLFNQDVDAAVRGILRNAKLKPVYDSLDAVRRAALINMVFQMGETGVAGFTNSLRMLQQK
RWDEAAVNLAKSRWYNQTPNRAKRVITTFRTGTWDAYKICTKKPRFMSACAQLVIAFILICIQLGIIVALFIMEPPDIMH
DYPSIREVYLICNTTNLGVVAPLGYNGLLILACTFYAFKTRNVPANFNEAKYIAFTMYTTCIIWLAFVPIYFGSNYKIIT
MCFSVSLSATVALGCMFVPKVYIILAKPERNVRSAAAAHHHHHHHHHH
;
_entity_poly.pdbx_strand_id   A
#
loop_
_chem_comp.id
_chem_comp.type
_chem_comp.name
_chem_comp.formula
D8B non-polymer 2-[2-(3-methoxyphenyl)ethynyl]-6-methyl-pyridine 'C15 H13 N O'
MES non-polymer '2-(N-MORPHOLINO)-ETHANESULFONIC ACID' 'C6 H13 N O4 S'
OLA non-polymer 'OLEIC ACID' 'C18 H34 O2'
#
# COMPACT_ATOMS: atom_id res chain seq x y z
N SER A 3 41.73 -4.39 -9.47
CA SER A 3 41.31 -5.38 -8.50
C SER A 3 41.03 -4.78 -7.12
N PRO A 4 39.81 -5.00 -6.61
CA PRO A 4 39.39 -4.51 -5.29
C PRO A 4 40.23 -5.05 -4.14
N VAL A 5 40.85 -6.23 -4.31
CA VAL A 5 41.74 -6.74 -3.27
C VAL A 5 42.98 -5.85 -3.15
N GLN A 6 43.52 -5.42 -4.28
CA GLN A 6 44.67 -4.51 -4.29
C GLN A 6 44.44 -3.28 -3.41
N TYR A 7 43.27 -2.67 -3.58
CA TYR A 7 42.94 -1.41 -2.92
C TYR A 7 42.85 -1.56 -1.42
N LEU A 8 42.26 -2.67 -0.99
CA LEU A 8 42.25 -3.05 0.41
C LEU A 8 43.68 -3.17 0.92
N ARG A 9 44.54 -3.83 0.14
CA ARG A 9 45.95 -3.98 0.49
C ARG A 9 46.59 -2.61 0.60
N TRP A 10 46.32 -1.77 -0.39
CA TRP A 10 46.85 -0.40 -0.42
C TRP A 10 46.23 0.49 0.66
N GLY A 11 45.26 -0.04 1.40
CA GLY A 11 44.71 0.65 2.55
C GLY A 11 43.37 1.31 2.32
N ASP A 12 42.69 0.92 1.25
CA ASP A 12 41.35 1.44 0.95
C ASP A 12 40.34 0.30 0.83
N PRO A 13 39.59 0.05 1.90
CA PRO A 13 38.66 -1.08 2.00
C PRO A 13 37.28 -0.83 1.38
N ALA A 14 37.04 0.37 0.87
CA ALA A 14 35.73 0.69 0.30
C ALA A 14 35.33 -0.13 -0.94
N PRO A 15 36.23 -0.28 -1.94
CA PRO A 15 35.84 -1.05 -3.12
C PRO A 15 35.44 -2.49 -2.83
N ILE A 16 36.23 -3.19 -2.00
CA ILE A 16 35.91 -4.58 -1.71
C ILE A 16 34.66 -4.72 -0.84
N ALA A 17 34.44 -3.74 0.05
CA ALA A 17 33.26 -3.75 0.90
C ALA A 17 31.99 -3.62 0.06
N ALA A 18 32.05 -2.74 -0.94
CA ALA A 18 30.91 -2.53 -1.84
C ALA A 18 30.63 -3.78 -2.68
N VAL A 19 31.68 -4.42 -3.13
CA VAL A 19 31.55 -5.63 -3.95
C VAL A 19 30.97 -6.79 -3.14
N VAL A 20 31.47 -6.95 -1.91
CA VAL A 20 30.96 -7.97 -1.01
C VAL A 20 29.48 -7.75 -0.71
N PHE A 21 29.11 -6.51 -0.40
CA PHE A 21 27.71 -6.12 -0.20
C PHE A 21 26.87 -6.57 -1.39
N ALA A 22 27.37 -6.30 -2.60
CA ALA A 22 26.64 -6.63 -3.81
C ALA A 22 26.56 -8.13 -4.08
N CYS A 23 27.61 -8.86 -3.71
CA CYS A 23 27.62 -10.30 -3.89
C CYS A 23 26.60 -10.98 -2.96
N LEU A 24 26.62 -10.56 -1.70
CA LEU A 24 25.65 -11.06 -0.72
C LEU A 24 24.23 -10.71 -1.16
N GLY A 25 24.08 -9.51 -1.70
CA GLY A 25 22.79 -9.07 -2.21
C GLY A 25 22.28 -9.97 -3.31
N LEU A 26 23.19 -10.36 -4.21
CA LEU A 26 22.84 -11.23 -5.32
C LEU A 26 22.49 -12.65 -4.86
N LEU A 27 23.23 -13.16 -3.89
CA LEU A 27 22.98 -14.48 -3.34
C LEU A 27 21.58 -14.55 -2.74
N ALA A 28 21.28 -13.59 -1.86
CA ALA A 28 20.01 -13.53 -1.16
C ALA A 28 18.83 -13.39 -2.12
N THR A 29 18.98 -12.53 -3.14
CA THR A 29 17.93 -12.35 -4.13
C THR A 29 17.73 -13.66 -4.91
N LEU A 30 18.83 -14.35 -5.16
CA LEU A 30 18.82 -15.64 -5.83
C LEU A 30 18.13 -16.70 -4.97
N PHE A 31 18.40 -16.68 -3.67
CA PHE A 31 17.75 -17.59 -2.73
C PHE A 31 16.24 -17.36 -2.77
N VAL A 32 15.85 -16.10 -2.61
CA VAL A 32 14.45 -15.71 -2.54
C VAL A 32 13.69 -16.04 -3.82
N THR A 33 14.32 -15.81 -4.97
CA THR A 33 13.69 -16.06 -6.26
C THR A 33 13.38 -17.55 -6.45
N VAL A 34 14.36 -18.41 -6.18
CA VAL A 34 14.20 -19.85 -6.31
C VAL A 34 13.13 -20.37 -5.35
N VAL A 35 13.10 -19.83 -4.14
CA VAL A 35 12.08 -20.19 -3.15
C VAL A 35 10.68 -19.84 -3.66
N PHE A 36 10.59 -18.79 -4.46
CA PHE A 36 9.31 -18.37 -5.05
C PHE A 36 8.94 -19.18 -6.30
N ILE A 37 9.94 -19.75 -6.96
CA ILE A 37 9.71 -20.60 -8.12
C ILE A 37 9.11 -21.93 -7.70
N ILE A 38 9.78 -22.59 -6.76
CA ILE A 38 9.31 -23.87 -6.21
C ILE A 38 7.92 -23.74 -5.62
N TYR A 39 7.78 -22.82 -4.68
CA TYR A 39 6.57 -22.72 -3.87
C TYR A 39 5.53 -21.76 -4.42
N ARG A 40 5.61 -21.48 -5.72
CA ARG A 40 4.59 -20.69 -6.39
C ARG A 40 3.25 -21.42 -6.35
N ASP A 41 3.31 -22.70 -6.01
CA ASP A 41 2.15 -23.57 -5.93
C ASP A 41 1.31 -23.39 -4.66
N THR A 42 1.58 -22.33 -3.90
CA THR A 42 0.95 -22.17 -2.58
C THR A 42 0.17 -20.84 -2.44
N PRO A 43 -0.89 -20.84 -1.60
CA PRO A 43 -1.77 -19.69 -1.37
C PRO A 43 -1.08 -18.35 -1.13
N VAL A 44 -0.06 -18.32 -0.29
CA VAL A 44 0.59 -17.06 0.09
C VAL A 44 1.27 -16.35 -1.08
N VAL A 45 1.38 -17.06 -2.20
CA VAL A 45 2.05 -16.52 -3.38
C VAL A 45 1.07 -16.37 -4.56
N LYS A 46 0.05 -17.21 -4.60
CA LYS A 46 -0.87 -17.26 -5.74
C LYS A 46 -1.73 -16.00 -5.92
N SER A 47 -2.38 -15.54 -4.85
CA SER A 47 -3.27 -14.39 -4.94
C SER A 47 -2.51 -13.08 -5.08
N SER A 48 -1.30 -13.04 -4.54
CA SER A 48 -0.39 -11.93 -4.78
C SER A 48 0.08 -12.07 -6.23
N SER A 49 0.41 -10.96 -6.87
CA SER A 49 0.78 -10.98 -8.28
C SER A 49 2.17 -11.54 -8.54
N ARG A 50 2.23 -12.74 -9.12
CA ARG A 50 3.50 -13.45 -9.31
C ARG A 50 4.44 -12.81 -10.33
N GLU A 51 3.94 -12.51 -11.53
CA GLU A 51 4.78 -11.92 -12.57
C GLU A 51 5.31 -10.54 -12.15
N LEU A 52 4.53 -9.80 -11.38
CA LEU A 52 4.93 -8.46 -10.93
C LEU A 52 6.05 -8.57 -9.91
N CYS A 53 5.98 -9.63 -9.10
CA CYS A 53 6.97 -9.94 -8.08
C CYS A 53 8.34 -10.21 -8.69
N TYR A 54 8.34 -10.88 -9.83
CA TYR A 54 9.55 -11.19 -10.58
C TYR A 54 10.19 -9.93 -11.13
N ILE A 55 9.38 -8.99 -11.60
CA ILE A 55 9.88 -7.70 -12.07
C ILE A 55 10.62 -6.99 -10.94
N ILE A 56 9.98 -6.94 -9.77
CA ILE A 56 10.56 -6.31 -8.60
C ILE A 56 11.89 -6.96 -8.20
N LEU A 57 11.94 -8.29 -8.24
CA LEU A 57 13.15 -9.01 -7.88
C LEU A 57 14.25 -8.79 -8.91
N ALA A 58 13.86 -8.75 -10.18
CA ALA A 58 14.80 -8.47 -11.27
C ALA A 58 15.44 -7.10 -11.08
N GLY A 59 14.62 -6.11 -10.73
CA GLY A 59 15.10 -4.77 -10.47
C GLY A 59 16.10 -4.72 -9.33
N ILE A 60 15.77 -5.38 -8.23
CA ILE A 60 16.66 -5.48 -7.07
C ILE A 60 17.98 -6.13 -7.47
N CYS A 61 17.90 -7.19 -8.28
CA CYS A 61 19.07 -7.88 -8.78
C CYS A 61 19.98 -6.97 -9.58
N LEU A 62 19.39 -6.22 -10.52
CA LEU A 62 20.13 -5.27 -11.32
C LEU A 62 20.74 -4.16 -10.46
N GLY A 63 20.01 -3.78 -9.41
CA GLY A 63 20.50 -2.80 -8.46
C GLY A 63 21.84 -3.19 -7.88
N TYR A 64 21.93 -4.41 -7.34
CA TYR A 64 23.18 -4.92 -6.82
C TYR A 64 24.24 -5.02 -7.91
N LEU A 65 23.83 -5.47 -9.09
CA LEU A 65 24.75 -5.55 -10.21
C LEU A 65 25.41 -4.21 -10.57
N CYS A 66 24.73 -3.11 -10.25
CA CYS A 66 25.24 -1.78 -10.55
C CYS A 66 26.63 -1.49 -10.01
N THR A 67 26.97 -2.07 -8.86
CA THR A 67 28.28 -1.85 -8.23
C THR A 67 29.41 -2.40 -9.09
N PHE A 68 29.07 -3.39 -9.91
CA PHE A 68 30.07 -3.96 -10.81
C PHE A 68 30.25 -3.08 -12.03
N YCM A 69 29.35 -2.12 -12.16
CA YCM A 69 29.45 -1.15 -13.22
CB YCM A 69 28.07 -0.76 -13.77
SG YCM A 69 27.31 -1.87 -14.91
CD YCM A 69 27.02 -3.40 -14.08
CE YCM A 69 26.06 -4.39 -14.71
OZ1 YCM A 69 26.45 -5.54 -15.06
NZ2 YCM A 69 24.74 -4.06 -14.88
C YCM A 69 30.22 0.07 -12.78
O YCM A 69 30.84 0.81 -13.54
N LEU A 70 30.23 0.26 -11.47
CA LEU A 70 30.87 1.42 -10.86
C LEU A 70 32.29 1.06 -10.45
N ILE A 71 32.46 -0.17 -9.97
CA ILE A 71 33.77 -0.70 -9.66
C ILE A 71 34.22 -1.55 -10.84
N ALA A 72 34.85 -0.93 -11.82
CA ALA A 72 35.07 -1.62 -13.08
C ALA A 72 36.37 -1.29 -13.80
N LYS A 73 36.68 -2.12 -14.81
CA LYS A 73 37.76 -1.79 -15.75
C LYS A 73 37.29 -0.62 -16.59
N PRO A 74 38.25 0.19 -17.09
CA PRO A 74 37.87 1.35 -17.89
C PRO A 74 37.47 0.93 -19.30
N LYS A 75 36.23 0.50 -19.47
CA LYS A 75 35.69 0.23 -20.79
C LYS A 75 34.49 1.15 -21.01
N GLN A 76 34.33 1.62 -22.22
CA GLN A 76 33.29 2.55 -22.53
C GLN A 76 31.93 2.13 -22.09
N ILE A 77 31.58 0.88 -22.37
CA ILE A 77 30.24 0.37 -22.09
C ILE A 77 29.81 0.44 -20.65
N TYR A 78 30.73 0.32 -19.72
CA TYR A 78 30.42 0.44 -18.31
C TYR A 78 29.80 1.79 -17.98
N CYS A 79 30.23 2.88 -18.59
CA CYS A 79 29.61 4.17 -18.40
C CYS A 79 28.15 4.14 -18.89
N TYR A 80 27.89 3.46 -19.99
CA TYR A 80 26.56 3.29 -20.47
C TYR A 80 25.75 2.47 -19.47
N LEU A 81 26.35 1.39 -18.99
CA LEU A 81 25.71 0.47 -18.07
C LEU A 81 25.36 1.07 -16.77
N GLN A 82 26.27 1.87 -16.25
CA GLN A 82 26.07 2.65 -15.03
C GLN A 82 24.78 3.45 -15.09
N ARG A 83 24.66 4.27 -16.12
CA ARG A 83 23.53 5.11 -16.31
C ARG A 83 22.24 4.31 -16.50
N ILE A 84 22.33 3.27 -17.29
CA ILE A 84 21.19 2.40 -17.51
C ILE A 84 20.78 1.73 -16.21
N GLY A 85 21.73 1.10 -15.53
CA GLY A 85 21.45 0.38 -14.30
C GLY A 85 20.95 1.24 -13.16
N ILE A 86 21.55 2.42 -12.99
CA ILE A 86 21.24 3.29 -11.86
C ILE A 86 19.86 3.95 -12.01
N GLY A 87 19.46 4.20 -13.24
CA GLY A 87 18.16 4.78 -13.50
C GLY A 87 17.04 3.77 -13.67
N LEU A 88 17.35 2.65 -14.32
CA LEU A 88 16.32 1.70 -14.74
C LEU A 88 15.96 0.68 -13.65
N SER A 89 16.94 0.24 -12.86
CA SER A 89 16.68 -0.77 -11.84
C SER A 89 15.73 -0.33 -10.70
N PRO A 90 15.83 0.95 -10.25
CA PRO A 90 14.81 1.35 -9.27
C PRO A 90 13.44 1.49 -9.91
N ALA A 91 13.43 1.92 -11.16
CA ALA A 91 12.18 2.08 -11.90
C ALA A 91 11.47 0.75 -12.10
N MET A 92 12.22 -0.28 -12.44
CA MET A 92 11.66 -1.64 -12.58
C MET A 92 10.94 -2.08 -11.31
N SER A 93 11.62 -1.92 -10.17
CA SER A 93 11.06 -2.33 -8.89
C SER A 93 9.87 -1.48 -8.47
N TYR A 94 10.04 -0.17 -8.50
CA TYR A 94 8.99 0.76 -8.05
C TYR A 94 7.79 0.87 -8.98
N SER A 95 7.99 0.64 -10.27
CA SER A 95 6.88 0.71 -11.22
C SER A 95 5.99 -0.52 -11.12
N ALA A 96 6.59 -1.68 -10.88
CA ALA A 96 5.81 -2.89 -10.68
C ALA A 96 5.07 -2.76 -9.36
N LEU A 97 5.74 -2.18 -8.37
CA LEU A 97 5.16 -2.03 -7.03
C LEU A 97 3.98 -1.07 -6.98
N VAL A 98 4.11 0.07 -7.68
CA VAL A 98 3.04 1.07 -7.67
C VAL A 98 1.73 0.51 -8.22
N THR A 99 1.83 -0.34 -9.24
CA THR A 99 0.65 -0.95 -9.83
C THR A 99 0.08 -1.97 -8.85
N LYS A 100 0.95 -2.56 -8.05
CA LYS A 100 0.51 -3.51 -7.03
C LYS A 100 -0.25 -2.77 -5.93
N THR A 101 0.32 -1.68 -5.43
CA THR A 101 -0.34 -0.89 -4.39
C THR A 101 -1.59 -0.20 -4.93
N TYR A 102 -1.57 0.14 -6.23
CA TYR A 102 -2.72 0.74 -6.88
C TYR A 102 -3.91 -0.22 -6.88
N ARG A 103 -3.68 -1.46 -7.31
CA ARG A 103 -4.73 -2.46 -7.32
C ARG A 103 -5.28 -2.72 -5.92
N ALA A 104 -4.37 -2.72 -4.93
CA ALA A 104 -4.75 -2.87 -3.54
C ALA A 104 -5.58 -1.68 -3.06
N ALA A 105 -5.39 -0.55 -3.71
CA ALA A 105 -6.12 0.66 -3.37
C ALA A 105 -7.52 0.69 -4.00
N ARG A 106 -7.62 0.12 -5.20
CA ARG A 106 -8.92 0.02 -5.87
C ARG A 106 -9.81 -0.99 -5.17
N ILE A 107 -9.25 -2.17 -4.89
CA ILE A 107 -9.96 -3.22 -4.17
C ILE A 107 -10.56 -2.70 -2.87
N LEU A 108 -9.76 -1.94 -2.12
CA LEU A 108 -10.21 -1.35 -0.87
C LEU A 108 -11.34 -0.34 -1.08
N ALA A 109 -11.18 0.51 -2.09
CA ALA A 109 -12.16 1.55 -2.38
C ALA A 109 -13.53 0.95 -2.69
N MET A 110 -13.53 -0.12 -3.47
CA MET A 110 -14.77 -0.78 -3.85
C MET A 110 -15.42 -1.48 -2.66
N SER A 111 -14.64 -1.77 -1.62
CA SER A 111 -15.20 -2.32 -0.40
C SER A 111 -15.88 -1.20 0.39
N LYS A 112 -15.28 -0.02 0.37
CA LYS A 112 -15.86 1.16 1.02
C LYS A 112 -17.13 1.59 0.31
N LYS A 113 -17.17 1.38 -1.00
CA LYS A 113 -18.35 1.75 -1.78
C LYS A 113 -19.53 0.87 -1.40
N ASN A 114 -19.28 -0.42 -1.19
CA ASN A 114 -20.33 -1.36 -0.84
C ASN A 114 -20.99 -1.05 0.50
N ILE A 115 -20.18 -0.80 1.53
CA ILE A 115 -20.72 -0.44 2.83
C ILE A 115 -21.48 0.88 2.76
N PHE A 116 -21.01 1.81 1.93
CA PHE A 116 -21.73 3.06 1.71
C PHE A 116 -23.12 2.83 1.15
N GLU A 117 -23.21 1.95 0.16
CA GLU A 117 -24.50 1.64 -0.45
C GLU A 117 -25.42 0.92 0.54
N MET A 118 -24.82 0.05 1.35
CA MET A 118 -25.56 -0.68 2.38
C MET A 118 -26.33 0.28 3.27
N LEU A 119 -25.67 1.34 3.70
CA LEU A 119 -26.23 2.25 4.68
C LEU A 119 -27.08 3.36 4.05
N ARG A 120 -26.81 3.64 2.79
CA ARG A 120 -27.68 4.50 2.00
C ARG A 120 -29.05 3.85 2.01
N ILE A 121 -29.08 2.54 1.81
CA ILE A 121 -30.32 1.77 1.79
C ILE A 121 -30.93 1.62 3.19
N ASP A 122 -30.11 1.31 4.20
CA ASP A 122 -30.62 1.07 5.54
C ASP A 122 -30.94 2.35 6.32
N GLU A 123 -30.17 3.41 6.10
CA GLU A 123 -30.37 4.63 6.88
C GLU A 123 -30.79 5.83 6.04
N GLY A 124 -30.35 5.87 4.79
CA GLY A 124 -30.65 6.96 3.90
C GLY A 124 -29.68 8.12 4.04
N LEU A 125 -29.73 9.04 3.08
CA LEU A 125 -28.89 10.24 3.13
C LEU A 125 -29.67 11.48 2.71
N ARG A 126 -29.22 12.64 3.17
CA ARG A 126 -29.76 13.90 2.68
C ARG A 126 -28.67 14.65 1.93
N LEU A 127 -28.98 15.09 0.72
CA LEU A 127 -28.00 15.79 -0.11
C LEU A 127 -27.89 17.26 0.26
N LYS A 128 -28.75 17.70 1.16
CA LYS A 128 -28.77 19.08 1.63
C LYS A 128 -28.64 19.11 3.15
N ILE A 129 -27.97 20.12 3.68
CA ILE A 129 -27.73 20.26 5.12
C ILE A 129 -29.00 20.10 5.95
N TYR A 130 -28.88 19.37 7.05
CA TYR A 130 -29.98 19.26 8.02
C TYR A 130 -29.41 19.18 9.43
N LYS A 131 -30.29 18.95 10.41
CA LYS A 131 -29.87 18.80 11.79
C LYS A 131 -30.28 17.43 12.31
N ASP A 132 -29.49 16.88 13.23
CA ASP A 132 -29.87 15.65 13.90
C ASP A 132 -30.81 15.99 15.05
N THR A 133 -31.29 14.98 15.76
CA THR A 133 -32.21 15.17 16.87
C THR A 133 -31.62 16.05 17.98
N GLU A 134 -30.30 16.23 17.95
CA GLU A 134 -29.59 17.03 18.94
C GLU A 134 -29.35 18.47 18.46
N GLY A 135 -29.75 18.76 17.23
CA GLY A 135 -29.70 20.12 16.72
C GLY A 135 -28.45 20.51 15.94
N TYR A 136 -27.52 19.58 15.81
CA TYR A 136 -26.23 19.87 15.17
C TYR A 136 -26.27 19.67 13.65
N TYR A 137 -25.65 20.60 12.92
CA TYR A 137 -25.67 20.58 11.47
C TYR A 137 -25.02 19.34 10.87
N THR A 138 -25.74 18.75 9.92
CA THR A 138 -25.42 17.41 9.43
C THR A 138 -25.76 17.31 7.95
N ILE A 139 -25.06 16.43 7.23
CA ILE A 139 -25.37 16.18 5.84
C ILE A 139 -25.04 14.74 5.44
N GLY A 140 -25.61 14.28 4.34
CA GLY A 140 -25.39 12.92 3.86
C GLY A 140 -25.95 11.90 4.81
N ILE A 141 -25.21 10.80 5.00
CA ILE A 141 -25.60 9.76 5.93
C ILE A 141 -25.15 10.13 7.34
N GLY A 142 -25.84 11.10 7.94
CA GLY A 142 -25.56 11.49 9.31
C GLY A 142 -24.15 12.00 9.57
N HIS A 143 -23.51 12.62 8.59
CA HIS A 143 -22.19 13.19 8.81
C HIS A 143 -22.28 14.52 9.54
N LEU A 144 -21.68 14.56 10.73
CA LEU A 144 -21.65 15.79 11.52
C LEU A 144 -20.66 16.77 10.91
N LEU A 145 -21.11 18.01 10.68
CA LEU A 145 -20.27 19.02 10.05
C LEU A 145 -19.59 19.91 11.08
N THR A 146 -20.40 20.50 11.96
CA THR A 146 -19.92 21.38 13.01
C THR A 146 -20.81 21.22 14.22
N LYS A 147 -20.56 22.01 15.26
CA LYS A 147 -21.37 21.92 16.47
C LYS A 147 -21.95 23.27 16.90
N SER A 148 -21.54 24.33 16.22
CA SER A 148 -22.04 25.68 16.52
C SER A 148 -23.42 25.89 15.93
N PRO A 149 -24.22 26.78 16.53
CA PRO A 149 -25.55 27.10 16.02
C PRO A 149 -25.52 28.17 14.94
N SER A 150 -24.67 27.97 13.93
CA SER A 150 -24.62 28.91 12.81
C SER A 150 -24.53 28.15 11.50
N LEU A 151 -25.51 28.39 10.63
CA LEU A 151 -25.65 27.68 9.37
C LEU A 151 -24.47 27.95 8.44
N ASN A 152 -24.05 29.20 8.36
CA ASN A 152 -22.91 29.56 7.53
C ASN A 152 -21.61 28.88 7.96
N ALA A 153 -21.46 28.61 9.26
CA ALA A 153 -20.29 27.89 9.74
C ALA A 153 -20.30 26.45 9.23
N ALA A 154 -21.51 25.90 9.10
CA ALA A 154 -21.66 24.55 8.58
C ALA A 154 -21.32 24.53 7.10
N LYS A 155 -21.79 25.53 6.37
CA LYS A 155 -21.53 25.61 4.93
C LYS A 155 -20.04 25.78 4.62
N SER A 156 -19.37 26.64 5.38
CA SER A 156 -17.93 26.82 5.23
C SER A 156 -17.20 25.51 5.51
N GLU A 157 -17.55 24.87 6.62
CA GLU A 157 -16.93 23.59 6.98
C GLU A 157 -17.22 22.51 5.94
N LEU A 158 -18.38 22.57 5.32
CA LEU A 158 -18.71 21.64 4.25
C LEU A 158 -17.82 21.90 3.04
N ASP A 159 -17.75 23.17 2.63
CA ASP A 159 -16.90 23.58 1.52
C ASP A 159 -15.44 23.20 1.77
N LYS A 160 -14.99 23.36 3.01
CA LYS A 160 -13.64 22.97 3.40
C LYS A 160 -13.47 21.48 3.19
N ALA A 161 -14.50 20.71 3.55
CA ALA A 161 -14.45 19.26 3.46
C ALA A 161 -14.55 18.74 2.03
N ILE A 162 -15.35 19.40 1.21
CA ILE A 162 -15.60 18.92 -0.16
C ILE A 162 -14.61 19.48 -1.19
N GLY A 163 -14.35 20.78 -1.14
CA GLY A 163 -13.35 21.37 -2.00
C GLY A 163 -13.88 22.30 -3.07
N ARG A 164 -15.18 22.28 -3.31
CA ARG A 164 -15.82 23.24 -4.18
C ARG A 164 -16.78 24.05 -3.33
N ASN A 165 -17.34 25.12 -3.88
CA ASN A 165 -18.34 25.88 -3.16
C ASN A 165 -19.72 25.22 -3.32
N THR A 166 -20.06 24.38 -2.34
CA THR A 166 -21.22 23.51 -2.44
C THR A 166 -22.56 24.22 -2.27
N ASN A 167 -22.56 25.31 -1.52
CA ASN A 167 -23.79 26.04 -1.18
C ASN A 167 -24.78 25.20 -0.36
N GLY A 168 -24.25 24.32 0.48
CA GLY A 168 -25.08 23.51 1.34
C GLY A 168 -25.65 22.27 0.67
N VAL A 169 -25.31 22.07 -0.60
CA VAL A 169 -25.81 20.94 -1.37
C VAL A 169 -24.65 20.14 -1.96
N ILE A 170 -24.65 18.83 -1.69
CA ILE A 170 -23.63 17.96 -2.24
C ILE A 170 -24.20 16.88 -3.14
N THR A 171 -23.32 16.13 -3.79
CA THR A 171 -23.72 14.99 -4.60
C THR A 171 -23.55 13.71 -3.80
N LYS A 172 -24.02 12.61 -4.38
CA LYS A 172 -23.95 11.30 -3.76
C LYS A 172 -22.52 10.81 -3.58
N ASP A 173 -21.68 11.06 -4.59
CA ASP A 173 -20.27 10.69 -4.52
C ASP A 173 -19.59 11.46 -3.39
N GLU A 174 -20.03 12.69 -3.17
CA GLU A 174 -19.48 13.52 -2.12
C GLU A 174 -19.96 13.08 -0.74
N ALA A 175 -21.19 12.59 -0.68
CA ALA A 175 -21.72 12.01 0.55
C ALA A 175 -20.90 10.79 0.93
N GLU A 176 -20.55 10.00 -0.08
CA GLU A 176 -19.70 8.83 0.09
C GLU A 176 -18.35 9.21 0.69
N LYS A 177 -17.77 10.29 0.15
CA LYS A 177 -16.50 10.82 0.60
C LYS A 177 -16.52 11.07 2.10
N LEU A 178 -17.55 11.78 2.56
CA LEU A 178 -17.72 12.05 3.98
C LEU A 178 -17.96 10.77 4.77
N PHE A 179 -18.73 9.85 4.18
CA PHE A 179 -19.05 8.58 4.83
C PHE A 179 -17.82 7.74 5.08
N ASN A 180 -16.89 7.73 4.13
CA ASN A 180 -15.64 6.99 4.27
C ASN A 180 -14.89 7.38 5.54
N GLN A 181 -14.93 8.67 5.88
CA GLN A 181 -14.31 9.15 7.10
C GLN A 181 -15.01 8.56 8.32
N ASP A 182 -16.34 8.70 8.36
CA ASP A 182 -17.13 8.21 9.48
C ASP A 182 -16.95 6.72 9.71
N VAL A 183 -16.80 5.96 8.63
CA VAL A 183 -16.52 4.53 8.73
C VAL A 183 -15.15 4.29 9.36
N ASP A 184 -14.15 5.03 8.87
CA ASP A 184 -12.80 4.95 9.41
C ASP A 184 -12.81 5.14 10.93
N ALA A 185 -13.49 6.19 11.37
CA ALA A 185 -13.62 6.48 12.79
C ALA A 185 -14.39 5.38 13.50
N ALA A 186 -15.36 4.79 12.82
CA ALA A 186 -16.18 3.73 13.39
C ALA A 186 -15.34 2.48 13.64
N VAL A 187 -14.43 2.19 12.72
CA VAL A 187 -13.54 1.03 12.86
C VAL A 187 -12.59 1.24 14.04
N ARG A 188 -12.07 2.45 14.16
CA ARG A 188 -11.21 2.84 15.28
C ARG A 188 -11.86 2.47 16.61
N GLY A 189 -13.11 2.88 16.78
CA GLY A 189 -13.84 2.63 18.00
C GLY A 189 -14.04 1.15 18.31
N ILE A 190 -14.38 0.38 17.28
CA ILE A 190 -14.53 -1.06 17.41
C ILE A 190 -13.23 -1.71 17.86
N LEU A 191 -12.12 -1.29 17.24
CA LEU A 191 -10.81 -1.80 17.59
C LEU A 191 -10.34 -1.30 18.96
N ARG A 192 -11.02 -0.30 19.50
CA ARG A 192 -10.73 0.20 20.84
C ARG A 192 -11.70 -0.38 21.86
N ASN A 193 -12.50 -1.35 21.41
CA ASN A 193 -13.49 -1.98 22.27
C ASN A 193 -13.19 -3.46 22.44
N ALA A 194 -12.81 -3.84 23.65
CA ALA A 194 -12.41 -5.22 23.96
C ALA A 194 -13.49 -6.24 23.62
N LYS A 195 -14.75 -5.86 23.82
CA LYS A 195 -15.87 -6.76 23.55
C LYS A 195 -16.11 -6.95 22.06
N LEU A 196 -15.67 -5.98 21.25
CA LEU A 196 -15.98 -6.00 19.82
C LEU A 196 -14.78 -6.30 18.91
N LYS A 197 -13.57 -6.06 19.42
CA LYS A 197 -12.36 -6.30 18.63
C LYS A 197 -12.20 -7.74 18.11
N PRO A 198 -12.38 -8.76 18.97
CA PRO A 198 -12.16 -10.13 18.50
C PRO A 198 -13.16 -10.60 17.44
N VAL A 199 -14.41 -10.14 17.49
CA VAL A 199 -15.36 -10.55 16.47
C VAL A 199 -15.00 -9.90 15.14
N TYR A 200 -14.67 -8.61 15.18
CA TYR A 200 -14.34 -7.86 13.97
C TYR A 200 -13.09 -8.39 13.28
N ASP A 201 -12.08 -8.70 14.08
CA ASP A 201 -10.84 -9.28 13.57
C ASP A 201 -11.09 -10.59 12.83
N SER A 202 -12.01 -11.40 13.35
CA SER A 202 -12.24 -12.74 12.81
C SER A 202 -13.13 -12.75 11.57
N LEU A 203 -13.90 -11.68 11.40
CA LEU A 203 -14.88 -11.64 10.32
C LEU A 203 -14.27 -11.27 8.97
N ASP A 204 -14.83 -11.83 7.91
CA ASP A 204 -14.50 -11.45 6.55
C ASP A 204 -15.01 -10.03 6.29
N ALA A 205 -14.71 -9.49 5.12
CA ALA A 205 -15.04 -8.11 4.79
C ALA A 205 -16.53 -7.80 4.87
N VAL A 206 -17.33 -8.57 4.14
CA VAL A 206 -18.77 -8.35 4.08
C VAL A 206 -19.41 -8.38 5.45
N ARG A 207 -19.05 -9.39 6.24
CA ARG A 207 -19.60 -9.53 7.58
C ARG A 207 -19.14 -8.42 8.52
N ARG A 208 -17.96 -7.86 8.24
CA ARG A 208 -17.49 -6.70 8.99
C ARG A 208 -18.43 -5.51 8.78
N ALA A 209 -18.86 -5.30 7.55
CA ALA A 209 -19.78 -4.22 7.23
C ALA A 209 -21.08 -4.37 8.00
N ALA A 210 -21.57 -5.60 8.11
CA ALA A 210 -22.78 -5.90 8.85
C ALA A 210 -22.64 -5.48 10.31
N LEU A 211 -21.47 -5.73 10.89
CA LEU A 211 -21.22 -5.33 12.27
C LEU A 211 -21.11 -3.81 12.38
N ILE A 212 -20.44 -3.19 11.41
CA ILE A 212 -20.34 -1.75 11.37
C ILE A 212 -21.73 -1.13 11.20
N ASN A 213 -22.57 -1.77 10.39
CA ASN A 213 -23.96 -1.35 10.22
C ASN A 213 -24.67 -1.28 11.57
N MET A 214 -24.55 -2.35 12.36
CA MET A 214 -25.14 -2.40 13.69
C MET A 214 -24.61 -1.29 14.59
N VAL A 215 -23.29 -1.07 14.53
CA VAL A 215 -22.65 -0.03 15.35
C VAL A 215 -23.24 1.34 15.03
N PHE A 216 -23.46 1.61 13.75
CA PHE A 216 -24.06 2.87 13.34
C PHE A 216 -25.48 3.04 13.89
N GLN A 217 -26.22 1.94 13.99
CA GLN A 217 -27.60 2.01 14.49
C GLN A 217 -27.66 2.16 16.02
N MET A 218 -26.90 1.34 16.74
CA MET A 218 -27.04 1.25 18.20
C MET A 218 -25.86 1.78 19.00
N GLY A 219 -24.78 2.15 18.32
CA GLY A 219 -23.55 2.52 19.00
C GLY A 219 -22.84 1.27 19.50
N GLU A 220 -21.58 1.44 19.91
CA GLU A 220 -20.77 0.30 20.35
C GLU A 220 -21.33 -0.38 21.59
N THR A 221 -21.78 0.43 22.54
CA THR A 221 -22.28 -0.08 23.82
C THR A 221 -23.52 -0.94 23.62
N GLY A 222 -24.31 -0.62 22.59
CA GLY A 222 -25.49 -1.39 22.27
C GLY A 222 -25.13 -2.72 21.62
N VAL A 223 -24.20 -2.67 20.67
CA VAL A 223 -23.76 -3.86 19.95
C VAL A 223 -23.09 -4.87 20.87
N ALA A 224 -22.27 -4.37 21.78
CA ALA A 224 -21.59 -5.22 22.74
C ALA A 224 -22.56 -5.95 23.67
N GLY A 225 -23.83 -5.61 23.62
CA GLY A 225 -24.87 -6.23 24.43
C GLY A 225 -25.35 -7.55 23.85
N PHE A 226 -25.01 -7.82 22.59
CA PHE A 226 -25.31 -9.11 21.99
C PHE A 226 -24.20 -10.11 22.29
N THR A 227 -23.98 -10.38 23.57
CA THR A 227 -22.92 -11.29 24.00
C THR A 227 -22.87 -12.62 23.26
N ASN A 228 -23.92 -13.41 23.38
CA ASN A 228 -23.98 -14.74 22.78
C ASN A 228 -23.85 -14.73 21.25
N SER A 229 -24.57 -13.82 20.61
CA SER A 229 -24.56 -13.73 19.15
C SER A 229 -23.18 -13.39 18.60
N LEU A 230 -22.51 -12.42 19.22
CA LEU A 230 -21.16 -12.05 18.83
C LEU A 230 -20.22 -13.24 18.95
N ARG A 231 -20.38 -13.99 20.04
CA ARG A 231 -19.59 -15.18 20.27
C ARG A 231 -19.79 -16.21 19.17
N MET A 232 -21.06 -16.49 18.85
CA MET A 232 -21.40 -17.42 17.78
C MET A 232 -20.79 -16.99 16.45
N LEU A 233 -20.92 -15.69 16.14
CA LEU A 233 -20.33 -15.13 14.93
C LEU A 233 -18.81 -15.34 14.92
N GLN A 234 -18.19 -15.08 16.06
CA GLN A 234 -16.77 -15.25 16.23
C GLN A 234 -16.37 -16.69 16.01
N GLN A 235 -17.22 -17.62 16.40
CA GLN A 235 -16.93 -19.03 16.25
C GLN A 235 -17.40 -19.56 14.93
N LYS A 236 -17.86 -18.67 14.10
CA LYS A 236 -18.42 -18.96 12.78
CA LYS A 236 -18.41 -18.98 12.78
C LYS A 236 -19.81 -19.73 12.55
N ARG A 237 -20.52 -19.84 13.66
CA ARG A 237 -21.85 -20.46 13.65
C ARG A 237 -22.90 -19.46 13.12
N TRP A 238 -22.92 -19.34 11.80
CA TRP A 238 -23.71 -18.31 11.15
C TRP A 238 -25.20 -18.49 11.35
N ASP A 239 -25.68 -19.71 11.12
CA ASP A 239 -27.10 -20.01 11.24
C ASP A 239 -27.58 -19.77 12.66
N GLU A 240 -26.78 -20.18 13.64
CA GLU A 240 -27.14 -20.02 15.03
C GLU A 240 -27.20 -18.55 15.45
N ALA A 241 -26.25 -17.77 14.95
CA ALA A 241 -26.26 -16.33 15.19
C ALA A 241 -27.53 -15.70 14.61
N ALA A 242 -27.90 -16.14 13.40
CA ALA A 242 -29.11 -15.65 12.75
C ALA A 242 -30.35 -15.93 13.59
N VAL A 243 -30.51 -17.19 14.02
CA VAL A 243 -31.62 -17.57 14.87
C VAL A 243 -31.65 -16.72 16.14
N ASN A 244 -30.50 -16.61 16.79
CA ASN A 244 -30.38 -15.87 18.05
C ASN A 244 -30.74 -14.40 17.90
N LEU A 245 -30.18 -13.76 16.87
CA LEU A 245 -30.42 -12.33 16.67
C LEU A 245 -31.87 -12.02 16.31
N ALA A 246 -32.55 -12.97 15.68
CA ALA A 246 -33.95 -12.81 15.33
C ALA A 246 -34.88 -12.86 16.55
N LYS A 247 -34.30 -13.06 17.73
CA LYS A 247 -35.07 -13.09 18.98
C LYS A 247 -34.98 -11.75 19.69
N SER A 248 -34.05 -10.90 19.25
CA SER A 248 -33.74 -9.66 19.95
C SER A 248 -34.82 -8.61 19.86
N ARG A 249 -34.75 -7.63 20.76
CA ARG A 249 -35.62 -6.47 20.71
C ARG A 249 -35.25 -5.60 19.52
N TRP A 250 -33.97 -5.63 19.17
CA TRP A 250 -33.46 -4.92 17.98
C TRP A 250 -34.24 -5.38 16.75
N TYR A 251 -34.32 -6.68 16.55
CA TYR A 251 -35.09 -7.26 15.46
C TYR A 251 -36.55 -6.82 15.53
N ASN A 252 -37.10 -6.80 16.73
CA ASN A 252 -38.52 -6.47 16.88
C ASN A 252 -38.86 -4.99 16.74
N GLN A 253 -37.91 -4.11 17.05
CA GLN A 253 -38.15 -2.67 16.92
C GLN A 253 -37.95 -2.19 15.48
N THR A 254 -36.96 -2.76 14.80
CA THR A 254 -36.68 -2.39 13.42
C THR A 254 -36.48 -3.62 12.54
N PRO A 255 -37.57 -4.37 12.29
CA PRO A 255 -37.50 -5.67 11.60
C PRO A 255 -37.01 -5.63 10.16
N ASN A 256 -37.49 -4.67 9.38
CA ASN A 256 -37.12 -4.56 7.96
C ASN A 256 -35.61 -4.49 7.77
N ARG A 257 -34.95 -3.63 8.55
CA ARG A 257 -33.51 -3.47 8.47
C ARG A 257 -32.77 -4.64 9.08
N ALA A 258 -33.24 -5.08 10.26
CA ALA A 258 -32.58 -6.18 10.97
C ALA A 258 -32.49 -7.44 10.13
N LYS A 259 -33.52 -7.70 9.33
CA LYS A 259 -33.52 -8.87 8.45
C LYS A 259 -32.38 -8.85 7.45
N ARG A 260 -32.19 -7.71 6.79
CA ARG A 260 -31.10 -7.57 5.83
C ARG A 260 -29.74 -7.74 6.50
N VAL A 261 -29.58 -7.14 7.67
CA VAL A 261 -28.33 -7.23 8.42
C VAL A 261 -28.05 -8.65 8.87
N ILE A 262 -29.06 -9.30 9.45
CA ILE A 262 -28.93 -10.68 9.91
C ILE A 262 -28.62 -11.61 8.74
N THR A 263 -29.28 -11.39 7.61
CA THR A 263 -29.04 -12.19 6.41
C THR A 263 -27.62 -12.00 5.89
N THR A 264 -27.10 -10.77 6.00
CA THR A 264 -25.73 -10.48 5.61
C THR A 264 -24.76 -11.25 6.49
N PHE A 265 -25.04 -11.28 7.79
CA PHE A 265 -24.26 -12.06 8.75
C PHE A 265 -24.32 -13.55 8.44
N ARG A 266 -25.46 -14.00 7.91
CA ARG A 266 -25.70 -15.42 7.70
C ARG A 266 -25.10 -15.96 6.40
N THR A 267 -24.95 -15.10 5.40
CA THR A 267 -24.46 -15.55 4.11
C THR A 267 -23.04 -15.07 3.81
N GLY A 268 -22.71 -13.89 4.32
CA GLY A 268 -21.44 -13.26 3.98
C GLY A 268 -21.53 -12.64 2.60
N THR A 269 -22.74 -12.60 2.06
CA THR A 269 -22.97 -12.02 0.74
C THR A 269 -23.75 -10.73 0.85
N TRP A 270 -23.89 -10.04 -0.29
CA TRP A 270 -24.66 -8.83 -0.38
C TRP A 270 -26.04 -9.10 -0.97
N ASP A 271 -26.49 -10.35 -0.90
CA ASP A 271 -27.72 -10.75 -1.56
C ASP A 271 -28.98 -10.05 -1.04
N ALA A 272 -28.91 -9.50 0.17
CA ALA A 272 -30.07 -8.82 0.75
C ALA A 272 -30.14 -7.34 0.36
N TYR A 273 -29.08 -6.86 -0.28
CA TYR A 273 -29.01 -5.48 -0.76
C TYR A 273 -28.79 -5.51 -2.27
N LYS A 274 -29.53 -4.70 -3.01
CA LYS A 274 -29.36 -4.60 -4.46
C LYS A 274 -27.89 -4.41 -4.81
N ILE A 275 -27.24 -3.50 -4.09
CA ILE A 275 -25.78 -3.31 -4.16
C ILE A 275 -25.25 -3.15 -5.58
N SER A 284 -7.24 -6.20 -13.69
CA SER A 284 -6.67 -7.17 -14.62
C SER A 284 -5.17 -7.32 -14.42
N ALA A 285 -4.72 -8.56 -14.20
CA ALA A 285 -3.30 -8.85 -14.01
C ALA A 285 -2.50 -8.46 -15.25
N CYS A 286 -3.07 -8.73 -16.41
CA CYS A 286 -2.44 -8.41 -17.69
C CYS A 286 -2.34 -6.90 -17.91
N ALA A 287 -3.33 -6.18 -17.39
CA ALA A 287 -3.31 -4.73 -17.47
C ALA A 287 -2.20 -4.19 -16.57
N GLN A 288 -1.94 -4.88 -15.47
CA GLN A 288 -0.87 -4.50 -14.56
C GLN A 288 0.50 -4.54 -15.23
N LEU A 289 0.75 -5.62 -15.97
CA LEU A 289 2.03 -5.82 -16.65
C LEU A 289 2.27 -4.80 -17.76
N VAL A 290 1.21 -4.45 -18.49
CA VAL A 290 1.32 -3.48 -19.57
C VAL A 290 1.66 -2.10 -19.02
N ILE A 291 0.99 -1.71 -17.93
CA ILE A 291 1.24 -0.43 -17.29
C ILE A 291 2.63 -0.36 -16.66
N ALA A 292 3.01 -1.41 -15.95
CA ALA A 292 4.35 -1.52 -15.38
C ALA A 292 5.40 -1.41 -16.48
N PHE A 293 5.11 -2.03 -17.62
CA PHE A 293 5.96 -1.96 -18.81
C PHE A 293 6.09 -0.50 -19.27
N ILE A 294 4.98 0.22 -19.27
CA ILE A 294 4.95 1.62 -19.72
C ILE A 294 5.73 2.55 -18.80
N LEU A 295 5.53 2.41 -17.50
CA LEU A 295 6.23 3.24 -16.52
C LEU A 295 7.73 3.02 -16.56
N ILE A 296 8.13 1.84 -17.03
CA ILE A 296 9.54 1.51 -17.17
C ILE A 296 10.14 2.10 -18.45
N CYS A 297 9.40 2.01 -19.56
CA CYS A 297 9.86 2.55 -20.83
C CYS A 297 10.02 4.07 -20.80
N ILE A 298 9.23 4.72 -19.96
CA ILE A 298 9.34 6.16 -19.77
C ILE A 298 10.71 6.52 -19.18
N GLN A 299 11.14 5.73 -18.19
CA GLN A 299 12.45 5.95 -17.60
C GLN A 299 13.55 5.68 -18.61
N LEU A 300 13.36 4.64 -19.42
CA LEU A 300 14.30 4.33 -20.49
C LEU A 300 14.37 5.48 -21.49
N GLY A 301 13.22 6.08 -21.78
CA GLY A 301 13.15 7.22 -22.69
C GLY A 301 13.99 8.37 -22.18
N ILE A 302 13.83 8.68 -20.89
CA ILE A 302 14.60 9.73 -20.23
C ILE A 302 16.10 9.45 -20.34
N ILE A 303 16.48 8.22 -20.02
CA ILE A 303 17.87 7.81 -20.07
C ILE A 303 18.45 7.91 -21.49
N VAL A 304 17.73 7.36 -22.47
CA VAL A 304 18.17 7.39 -23.86
C VAL A 304 18.29 8.83 -24.38
N ALA A 305 17.38 9.69 -23.92
CA ALA A 305 17.43 11.10 -24.30
C ALA A 305 18.69 11.78 -23.75
N LEU A 306 19.03 11.47 -22.51
CA LEU A 306 20.22 12.03 -21.87
C LEU A 306 21.49 11.43 -22.45
N PHE A 307 21.38 10.25 -23.04
CA PHE A 307 22.50 9.63 -23.75
C PHE A 307 22.83 10.43 -24.99
N ILE A 308 21.81 11.04 -25.58
CA ILE A 308 21.97 11.78 -26.83
C ILE A 308 22.35 13.24 -26.56
N MET A 309 21.82 13.79 -25.49
CA MET A 309 22.18 15.15 -25.06
C MET A 309 23.59 15.19 -24.47
N GLU A 310 23.92 14.17 -23.67
CA GLU A 310 25.17 14.19 -22.90
C GLU A 310 25.87 12.84 -22.93
N PRO A 311 26.46 12.48 -24.09
CA PRO A 311 27.05 11.15 -24.32
C PRO A 311 28.03 10.74 -23.22
N PRO A 312 27.94 9.48 -22.77
CA PRO A 312 28.84 8.97 -21.73
C PRO A 312 30.28 8.95 -22.21
N ASP A 313 31.21 9.16 -21.30
CA ASP A 313 32.63 9.15 -21.60
C ASP A 313 33.45 8.97 -20.32
N ILE A 314 34.51 8.17 -20.42
CA ILE A 314 35.47 8.03 -19.34
C ILE A 314 36.17 9.39 -19.21
N MET A 315 36.40 9.84 -17.99
CA MET A 315 37.27 11.00 -17.79
C MET A 315 38.55 10.65 -17.04
N GLU A 323 43.87 0.98 -11.97
CA GLU A 323 42.79 1.66 -11.27
C GLU A 323 41.58 0.76 -11.14
N VAL A 324 40.76 1.03 -10.13
CA VAL A 324 39.57 0.26 -9.83
C VAL A 324 38.27 1.07 -9.91
N TYR A 325 38.34 2.37 -9.62
CA TYR A 325 37.16 3.25 -9.73
C TYR A 325 36.92 3.69 -11.17
N LEU A 326 35.66 3.67 -11.60
CA LEU A 326 35.35 4.13 -12.95
C LEU A 326 34.63 5.48 -12.96
N ILE A 327 35.40 6.54 -13.23
CA ILE A 327 34.82 7.88 -13.30
C ILE A 327 34.24 8.14 -14.68
N CYS A 328 32.95 8.33 -14.73
CA CYS A 328 32.29 8.67 -15.96
C CYS A 328 31.95 10.16 -15.94
N ASN A 329 31.58 10.72 -17.07
CA ASN A 329 31.37 12.16 -17.15
C ASN A 329 29.93 12.60 -16.90
N THR A 330 29.16 11.74 -16.23
CA THR A 330 27.76 12.03 -15.93
C THR A 330 27.62 13.38 -15.22
N THR A 331 26.81 14.26 -15.80
CA THR A 331 26.56 15.57 -15.20
C THR A 331 25.53 15.44 -14.09
N ASN A 332 25.30 16.54 -13.39
CA ASN A 332 24.27 16.56 -12.35
C ASN A 332 22.91 16.25 -12.95
N LEU A 333 22.68 16.70 -14.18
CA LEU A 333 21.42 16.46 -14.86
C LEU A 333 21.26 14.99 -15.26
N GLY A 334 22.37 14.36 -15.60
CA GLY A 334 22.38 12.95 -15.95
C GLY A 334 21.96 12.07 -14.78
N VAL A 335 22.14 12.59 -13.57
CA VAL A 335 21.73 11.89 -12.36
C VAL A 335 20.31 12.28 -11.97
N VAL A 336 20.08 13.58 -11.88
CA VAL A 336 18.86 14.15 -11.31
C VAL A 336 17.56 13.80 -12.05
N ALA A 337 17.61 13.78 -13.37
CA ALA A 337 16.40 13.48 -14.15
C ALA A 337 15.85 12.06 -13.94
N PRO A 338 16.71 11.02 -14.05
CA PRO A 338 16.20 9.70 -13.68
C PRO A 338 15.85 9.62 -12.19
N LEU A 339 16.63 10.34 -11.37
CA LEU A 339 16.42 10.36 -9.93
C LEU A 339 15.06 10.97 -9.59
N GLY A 340 14.73 12.06 -10.27
CA GLY A 340 13.46 12.73 -10.09
C GLY A 340 12.30 11.82 -10.46
N TYR A 341 12.42 11.14 -11.60
CA TYR A 341 11.37 10.24 -12.05
C TYR A 341 11.12 9.09 -11.08
N ASN A 342 12.19 8.46 -10.61
CA ASN A 342 12.08 7.39 -9.61
C ASN A 342 11.47 7.93 -8.33
N GLY A 343 11.83 9.15 -7.99
CA GLY A 343 11.28 9.84 -6.83
C GLY A 343 9.77 9.97 -6.92
N LEU A 344 9.26 10.20 -8.13
CA LEU A 344 7.83 10.28 -8.35
C LEU A 344 7.15 8.93 -8.15
N LEU A 345 7.78 7.87 -8.67
CA LEU A 345 7.26 6.51 -8.51
C LEU A 345 7.20 6.11 -7.04
N ILE A 346 8.28 6.42 -6.31
CA ILE A 346 8.36 6.16 -4.88
C ILE A 346 7.26 6.90 -4.15
N LEU A 347 7.04 8.14 -4.55
CA LEU A 347 6.00 8.98 -3.96
C LEU A 347 4.61 8.36 -4.16
N ALA A 348 4.32 7.93 -5.39
CA ALA A 348 3.04 7.31 -5.70
C ALA A 348 2.85 6.01 -4.95
N CYS A 349 3.92 5.21 -4.87
CA CYS A 349 3.91 3.97 -4.09
C CYS A 349 3.52 4.26 -2.64
N THR A 350 4.29 5.14 -2.00
CA THR A 350 4.06 5.53 -0.62
C THR A 350 2.61 5.97 -0.38
N PHE A 351 2.13 6.88 -1.24
CA PHE A 351 0.75 7.35 -1.19
C PHE A 351 -0.26 6.20 -1.14
N TYR A 352 -0.18 5.30 -2.12
CA TYR A 352 -1.12 4.18 -2.20
C TYR A 352 -0.89 3.14 -1.12
N ALA A 353 0.37 2.94 -0.74
CA ALA A 353 0.70 1.99 0.30
C ALA A 353 0.16 2.45 1.65
N PHE A 354 0.29 3.74 1.90
CA PHE A 354 -0.19 4.31 3.16
C PHE A 354 -1.70 4.12 3.28
N LYS A 355 -2.39 4.31 2.18
CA LYS A 355 -3.84 4.22 2.12
C LYS A 355 -4.33 2.83 2.50
N THR A 356 -3.55 1.83 2.11
CA THR A 356 -3.95 0.43 2.27
C THR A 356 -3.18 -0.26 3.39
N ARG A 357 -2.60 0.53 4.29
CA ARG A 357 -1.70 0.00 5.32
C ARG A 357 -2.35 -0.97 6.31
N ASN A 358 -3.65 -0.82 6.53
CA ASN A 358 -4.35 -1.65 7.50
C ASN A 358 -5.09 -2.83 6.87
N VAL A 359 -4.89 -3.01 5.56
CA VAL A 359 -5.52 -4.10 4.83
C VAL A 359 -4.95 -5.45 5.27
N PRO A 360 -5.81 -6.33 5.80
CA PRO A 360 -5.36 -7.57 6.44
C PRO A 360 -4.95 -8.66 5.44
N ALA A 361 -5.38 -8.51 4.18
CA ALA A 361 -5.21 -9.55 3.17
C ALA A 361 -3.78 -10.09 3.04
N ASN A 362 -3.69 -11.38 2.69
CA ASN A 362 -2.42 -12.05 2.43
C ASN A 362 -1.41 -11.94 3.57
N PHE A 363 -1.84 -12.28 4.78
CA PHE A 363 -1.03 -12.17 5.98
C PHE A 363 -0.47 -10.75 6.20
N ASN A 364 -1.34 -9.76 6.18
CA ASN A 364 -0.95 -8.36 6.40
C ASN A 364 0.22 -7.89 5.54
N GLU A 365 0.22 -8.34 4.29
CA GLU A 365 1.25 -7.98 3.30
C GLU A 365 1.40 -6.47 3.18
N ALA A 366 0.29 -5.75 3.30
CA ALA A 366 0.28 -4.31 3.12
C ALA A 366 1.07 -3.56 4.19
N LYS A 367 1.06 -4.08 5.42
CA LYS A 367 1.78 -3.47 6.53
C LYS A 367 3.29 -3.45 6.26
N TYR A 368 3.77 -4.49 5.58
CA TYR A 368 5.18 -4.59 5.24
C TYR A 368 5.53 -3.64 4.12
N ILE A 369 4.64 -3.57 3.13
CA ILE A 369 4.84 -2.70 1.96
C ILE A 369 4.90 -1.23 2.36
N ALA A 370 4.04 -0.83 3.31
CA ALA A 370 4.01 0.54 3.79
C ALA A 370 5.30 0.90 4.52
N PHE A 371 5.73 0.00 5.41
CA PHE A 371 6.97 0.20 6.15
C PHE A 371 8.16 0.35 5.22
N THR A 372 8.17 -0.43 4.15
CA THR A 372 9.23 -0.41 3.16
C THR A 372 9.33 0.97 2.50
N MET A 373 8.18 1.53 2.15
CA MET A 373 8.14 2.83 1.50
C MET A 373 8.49 3.98 2.44
N TYR A 374 8.15 3.83 3.72
CA TYR A 374 8.54 4.81 4.73
C TYR A 374 10.06 4.91 4.77
N THR A 375 10.69 3.74 4.76
CA THR A 375 12.14 3.66 4.82
C THR A 375 12.78 4.19 3.53
N THR A 376 12.22 3.80 2.39
CA THR A 376 12.72 4.22 1.08
C THR A 376 12.74 5.73 0.96
N CYS A 377 11.63 6.37 1.33
CA CYS A 377 11.51 7.82 1.28
C CYS A 377 12.62 8.53 2.05
N ILE A 378 12.85 8.06 3.27
CA ILE A 378 13.88 8.63 4.12
C ILE A 378 15.26 8.44 3.50
N ILE A 379 15.54 7.22 3.07
CA ILE A 379 16.82 6.88 2.44
C ILE A 379 17.10 7.74 1.20
N TRP A 380 16.08 7.91 0.37
CA TRP A 380 16.21 8.68 -0.86
C TRP A 380 16.31 10.18 -0.62
N LEU A 381 15.50 10.69 0.32
CA LEU A 381 15.57 12.08 0.69
C LEU A 381 16.93 12.42 1.28
N ALA A 382 17.49 11.48 2.05
CA ALA A 382 18.79 11.66 2.65
C ALA A 382 19.92 11.58 1.62
N PHE A 383 19.65 10.88 0.53
CA PHE A 383 20.65 10.69 -0.52
C PHE A 383 21.04 12.00 -1.21
N VAL A 384 20.07 12.89 -1.40
CA VAL A 384 20.31 14.14 -2.10
C VAL A 384 21.44 15.00 -1.51
N PRO A 385 21.36 15.35 -0.21
CA PRO A 385 22.45 16.19 0.33
C PRO A 385 23.75 15.41 0.46
N ILE A 386 23.64 14.14 0.83
CA ILE A 386 24.82 13.30 1.05
C ILE A 386 25.65 13.11 -0.24
N TYR A 387 24.97 12.78 -1.33
CA TYR A 387 25.66 12.51 -2.59
C TYR A 387 26.24 13.75 -3.25
N PHE A 388 25.46 14.82 -3.32
CA PHE A 388 25.90 16.02 -4.02
C PHE A 388 26.84 16.90 -3.20
N GLY A 389 27.07 16.51 -1.94
CA GLY A 389 28.05 17.19 -1.11
C GLY A 389 29.24 16.29 -0.84
N SER A 390 29.32 15.18 -1.56
CA SER A 390 30.35 14.17 -1.33
C SER A 390 31.51 14.24 -2.31
N ASN A 391 32.71 13.95 -1.80
CA ASN A 391 33.90 13.83 -2.62
C ASN A 391 34.19 12.37 -2.92
N TYR A 392 33.31 11.49 -2.45
CA TYR A 392 33.43 10.05 -2.70
C TYR A 392 32.12 9.55 -3.28
N LYS A 393 31.82 10.01 -4.50
CA LYS A 393 30.52 9.79 -5.12
C LYS A 393 30.27 8.34 -5.55
N ILE A 394 31.26 7.73 -6.19
CA ILE A 394 31.12 6.35 -6.68
C ILE A 394 30.76 5.38 -5.55
N ILE A 395 31.50 5.44 -4.45
CA ILE A 395 31.24 4.58 -3.30
C ILE A 395 29.92 4.92 -2.62
N THR A 396 29.57 6.21 -2.58
CA THR A 396 28.28 6.62 -2.02
C THR A 396 27.14 6.06 -2.87
N MET A 397 27.32 6.06 -4.18
CA MET A 397 26.33 5.51 -5.10
C MET A 397 26.14 4.01 -4.91
N CYS A 398 27.26 3.29 -4.81
CA CYS A 398 27.24 1.84 -4.60
C CYS A 398 26.42 1.45 -3.38
N PHE A 399 26.80 2.01 -2.23
CA PHE A 399 26.12 1.72 -0.98
C PHE A 399 24.66 2.14 -1.01
N SER A 400 24.37 3.28 -1.61
CA SER A 400 23.01 3.81 -1.70
C SER A 400 22.07 2.89 -2.47
N VAL A 401 22.46 2.54 -3.69
CA VAL A 401 21.68 1.63 -4.52
C VAL A 401 21.47 0.31 -3.79
N SER A 402 22.54 -0.23 -3.23
CA SER A 402 22.49 -1.49 -2.51
C SER A 402 21.62 -1.43 -1.26
N LEU A 403 21.74 -0.36 -0.49
CA LEU A 403 20.92 -0.20 0.70
C LEU A 403 19.45 -0.16 0.34
N SER A 404 19.13 0.61 -0.70
CA SER A 404 17.75 0.73 -1.18
C SER A 404 17.21 -0.62 -1.65
N ALA A 405 18.04 -1.39 -2.33
CA ALA A 405 17.65 -2.71 -2.82
C ALA A 405 17.48 -3.70 -1.67
N THR A 406 18.33 -3.56 -0.65
CA THR A 406 18.29 -4.45 0.51
C THR A 406 17.07 -4.17 1.38
N VAL A 407 16.68 -2.90 1.45
CA VAL A 407 15.50 -2.50 2.19
C VAL A 407 14.25 -3.13 1.61
N ALA A 408 14.14 -3.08 0.28
CA ALA A 408 13.03 -3.70 -0.41
C ALA A 408 13.01 -5.20 -0.18
N LEU A 409 14.12 -5.85 -0.53
CA LEU A 409 14.28 -7.29 -0.39
C LEU A 409 14.05 -7.76 1.04
N GLY A 410 14.66 -7.06 1.99
CA GLY A 410 14.56 -7.43 3.39
C GLY A 410 13.17 -7.27 3.96
N CYS A 411 12.54 -6.13 3.70
CA CYS A 411 11.26 -5.80 4.33
C CYS A 411 10.04 -6.44 3.66
N MET A 412 10.14 -6.78 2.37
CA MET A 412 8.98 -7.32 1.67
C MET A 412 9.06 -8.82 1.38
N PHE A 413 10.24 -9.30 1.01
CA PHE A 413 10.38 -10.67 0.54
C PHE A 413 10.84 -11.65 1.59
N VAL A 414 11.73 -11.19 2.47
CA VAL A 414 12.21 -12.03 3.56
C VAL A 414 11.08 -12.56 4.47
N PRO A 415 10.13 -11.70 4.87
CA PRO A 415 9.00 -12.25 5.64
C PRO A 415 8.16 -13.26 4.87
N LYS A 416 7.95 -13.04 3.58
CA LYS A 416 7.19 -14.01 2.78
C LYS A 416 7.89 -15.35 2.73
N VAL A 417 9.21 -15.31 2.51
CA VAL A 417 10.01 -16.53 2.50
C VAL A 417 9.97 -17.24 3.86
N TYR A 418 10.02 -16.46 4.94
CA TYR A 418 9.96 -17.04 6.27
C TYR A 418 8.66 -17.82 6.48
N ILE A 419 7.54 -17.21 6.12
CA ILE A 419 6.24 -17.86 6.23
C ILE A 419 6.20 -19.15 5.41
N ILE A 420 6.71 -19.08 4.18
CA ILE A 420 6.77 -20.23 3.28
C ILE A 420 7.49 -21.42 3.90
N LEU A 421 8.67 -21.17 4.46
CA LEU A 421 9.57 -22.24 4.89
C LEU A 421 9.36 -22.68 6.35
N ALA A 422 8.78 -21.81 7.16
CA ALA A 422 8.70 -22.07 8.60
C ALA A 422 7.27 -22.10 9.15
N LYS A 423 6.28 -21.86 8.30
CA LYS A 423 4.88 -21.97 8.71
C LYS A 423 4.04 -22.69 7.65
N PRO A 424 4.36 -23.97 7.36
CA PRO A 424 3.56 -24.63 6.32
C PRO A 424 2.18 -25.05 6.81
N GLU A 425 1.91 -24.88 8.11
CA GLU A 425 0.57 -25.15 8.65
C GLU A 425 -0.28 -23.89 8.76
N ARG A 426 0.31 -22.75 8.43
CA ARG A 426 -0.40 -21.50 8.46
C ARG A 426 -0.83 -21.16 7.06
N ASN A 427 0.10 -21.13 6.11
CA ASN A 427 -0.24 -20.78 4.73
C ASN A 427 -0.81 -21.95 3.94
C1 OLA B . 23.19 19.89 -7.25
O1 OLA B . 23.74 20.90 -6.79
O2 OLA B . 23.55 19.41 -8.32
C2 OLA B . 22.08 19.24 -6.48
C3 OLA B . 20.79 19.19 -7.28
C4 OLA B . 19.59 18.77 -6.46
C5 OLA B . 18.78 17.72 -7.20
C6 OLA B . 17.31 18.08 -7.31
C7 OLA B . 16.61 17.59 -6.05
C8 OLA B . 16.38 16.10 -6.06
C9 OLA B . 15.08 15.85 -6.73
C10 OLA B . 14.50 14.66 -6.79
C11 OLA B . 15.29 13.41 -6.55
C12 OLA B . 15.11 12.93 -5.12
C13 OLA B . 13.87 12.09 -5.04
C14 OLA B . 13.27 12.13 -3.67
C15 OLA B . 12.89 10.72 -3.29
C16 OLA B . 11.40 10.53 -3.09
C17 OLA B . 10.87 11.45 -2.03
C18 OLA B . 10.47 10.66 -0.83
C1 OLA C . 38.75 -9.89 -6.43
O1 OLA C . 39.16 -10.87 -7.05
O2 OLA C . 39.47 -8.91 -6.22
C2 OLA C . 37.33 -9.87 -5.93
C3 OLA C . 37.01 -10.93 -4.89
C4 OLA C . 35.79 -10.63 -4.01
C5 OLA C . 34.81 -11.78 -3.99
C6 OLA C . 34.09 -11.98 -2.67
C7 OLA C . 33.31 -13.29 -2.71
C8 OLA C . 32.79 -13.81 -1.38
C9 OLA C . 31.50 -13.10 -1.09
C10 OLA C . 30.38 -13.67 -0.65
C11 OLA C . 30.19 -15.14 -0.48
C12 OLA C . 29.99 -15.48 0.99
C13 OLA C . 28.65 -16.14 1.19
C1 OLA D . 23.76 7.26 -28.05
O1 OLA D . 23.00 7.89 -28.79
O2 OLA D . 24.98 7.47 -28.05
C2 OLA D . 23.20 6.22 -27.14
C3 OLA D . 21.93 5.58 -27.70
C4 OLA D . 21.04 4.90 -26.66
C5 OLA D . 21.10 3.38 -26.79
C6 OLA D . 21.03 2.68 -25.45
C7 OLA D . 19.92 1.65 -25.49
C8 OLA D . 20.19 0.45 -24.62
C9 OLA D . 19.55 0.74 -23.29
C10 OLA D . 19.17 -0.21 -22.45
C11 OLA D . 19.34 -1.66 -22.78
C12 OLA D . 19.76 -2.43 -21.55
C1 OLA E . 36.17 -5.37 -10.88
O1 OLA E . 36.41 -5.72 -12.03
O2 OLA E . 37.05 -4.84 -10.19
C2 OLA E . 34.81 -5.59 -10.30
C3 OLA E . 34.50 -7.08 -10.21
C4 OLA E . 35.60 -7.87 -9.52
C5 OLA E . 35.03 -8.66 -8.36
C6 OLA E . 33.86 -9.54 -8.77
C7 OLA E . 34.07 -10.92 -8.19
C8 OLA E . 32.92 -11.37 -7.32
C9 OLA E . 33.17 -12.83 -7.00
C10 OLA E . 32.41 -13.52 -6.17
C11 OLA E . 32.73 -14.94 -5.84
C1 OLA F . 27.26 2.80 -28.54
O1 OLA F . 26.51 2.36 -29.43
O2 OLA F . 28.24 3.50 -28.80
C2 OLA F . 26.94 2.47 -27.11
C3 OLA F . 26.17 1.17 -26.99
C4 OLA F . 25.68 0.86 -25.58
C5 OLA F . 24.40 0.06 -25.62
C6 OLA F . 23.97 -0.42 -24.25
C7 OLA F . 23.85 -1.94 -24.23
C8 OLA F . 23.11 -2.43 -23.01
C9 OLA F . 22.81 -3.89 -23.23
O1 MES G . 40.38 7.70 -4.85
C2 MES G . 39.65 7.20 -5.96
C3 MES G . 38.48 8.11 -6.35
N4 MES G . 37.73 8.60 -5.18
C5 MES G . 38.63 9.15 -4.15
C6 MES G . 39.61 8.06 -3.72
C7 MES G . 36.86 9.70 -5.60
C8 MES G . 36.20 9.47 -6.96
S MES G . 34.60 9.82 -6.97
O1S MES G . 33.86 8.66 -6.56
O2S MES G . 34.23 10.87 -6.04
O3S MES G . 34.26 10.17 -8.31
C1 OLA H . 40.76 -11.16 0.33
O1 OLA H . 40.29 -11.92 -0.53
O2 OLA H . 41.98 -10.99 0.45
C2 OLA H . 39.82 -10.45 1.24
C3 OLA H . 38.39 -10.81 0.87
C4 OLA H . 37.33 -10.36 1.88
C5 OLA H . 36.22 -11.40 2.00
C6 OLA H . 35.05 -10.83 2.78
C7 OLA H . 33.95 -11.86 2.93
C8 OLA H . 32.91 -11.39 3.91
C9 OLA H . 31.65 -12.18 3.68
C1 OLA I . 9.90 -18.25 -13.99
O1 OLA I . 8.71 -18.16 -13.69
O2 OLA I . 10.48 -19.34 -13.94
C2 OLA I . 10.65 -17.03 -14.41
C3 OLA I . 11.68 -16.62 -13.36
C4 OLA I . 11.74 -15.12 -13.10
C5 OLA I . 12.96 -14.77 -12.29
C6 OLA I . 13.83 -13.71 -12.94
C7 OLA I . 14.43 -12.82 -11.87
C8 OLA I . 15.82 -13.26 -11.49
C9 OLA I . 16.21 -12.49 -10.27
C10 OLA I . 17.30 -12.79 -9.57
C11 OLA I . 18.17 -13.94 -9.94
C12 OLA I . 19.50 -13.85 -9.22
C1 D8B J . 17.57 -0.35 -7.26
N1 D8B J . 16.12 0.27 -5.43
C11 D8B J . 19.84 6.27 -6.69
C12 D8B J . 20.10 6.75 -5.38
C13 D8B J . 19.77 5.95 -4.27
C14 D8B J . 19.17 4.69 -4.45
C15 D8B J . 18.82 6.16 -2.16
C2 D8B J . 17.14 0.54 -6.26
C3 D8B J . 15.49 -0.92 -5.55
C4 D8B J . 15.85 -1.87 -6.52
C5 D8B J . 16.91 -1.59 -7.39
C6 D8B J . 14.35 -1.17 -4.59
C7 D8B J . 17.80 1.82 -6.10
C8 D8B J . 18.31 2.91 -5.93
C9 D8B J . 18.92 4.22 -5.75
C10 D8B J . 19.25 5.01 -6.87
O1 D8B J . 20.02 6.42 -3.02
#